data_6T2I
#
_entry.id   6T2I
#
_cell.length_a   62.739
_cell.length_b   89.450
_cell.length_c   60.907
_cell.angle_alpha   90.000
_cell.angle_beta   96.920
_cell.angle_gamma   90.000
#
_symmetry.space_group_name_H-M   'C 1 2 1'
#
loop_
_entity.id
_entity.type
_entity.pdbx_description
1 polymer 'Genome polyprotein'
2 polymer 'Genome polyprotein'
3 non-polymer N-(2-phenylethyl)methanesulfonamide
4 non-polymer 'DIMETHYL SULFOXIDE'
5 water water
#
loop_
_entity_poly.entity_id
_entity_poly.type
_entity_poly.pdbx_seq_one_letter_code
_entity_poly.pdbx_strand_id
1 'polypeptide(L)'
;APPTLWSRVTKFGSGWGFWVSPTVFITTTHVIPTSAKEFFGEPLTSIAIHRAGEFTLFRFSKKIRPDLTGMILEEGCPEG
TVCSVLIKRDSGELLPLAVRMGAIASMRIQGRLVHGQSGMLLTGANAKGMDLGTIPGDCGAPYVYKRANDWVVCGVHAAA
TKSGNTVVCAVQ
;
A
2 'polypeptide(L)'
;PPTLWSRVTKFGSGWGFWVSPTVFITTTHVIPTSAKEFFGEPLTSIAIHRAGEFTLFRFSKKIRPDLTGMILEEGCPEGT
VCSVLIKRDSGELLPLAVRMGAIASMRIQGRLVHGQSGMLLTGANAKGMDLGTIPGDCGAPYVYKRANDWVVCGVHAAAT
KSGNTVVCAVQA
;
B
#
# COMPACT_ATOMS: atom_id res chain seq x y z
N ALA A 1 3.22 9.33 1.78
CA ALA A 1 2.78 10.60 1.06
C ALA A 1 2.54 11.67 2.11
N PRO A 2 2.77 12.97 1.82
CA PRO A 2 2.64 14.03 2.81
C PRO A 2 1.26 14.07 3.48
N PRO A 3 1.21 14.27 4.83
CA PRO A 3 -0.05 14.50 5.54
C PRO A 3 -1.00 15.54 4.93
N THR A 4 -0.45 16.60 4.33
CA THR A 4 -1.27 17.67 3.70
C THR A 4 -2.02 17.07 2.49
N LEU A 5 -1.51 16.06 1.78
CA LEU A 5 -2.27 15.43 0.67
C LEU A 5 -3.41 14.54 1.21
N TRP A 6 -3.18 13.76 2.28
CA TRP A 6 -4.24 12.92 2.92
C TRP A 6 -5.38 13.82 3.44
N SER A 7 -5.09 15.02 3.95
CA SER A 7 -6.06 15.99 4.50
C SER A 7 -7.04 16.40 3.39
N ARG A 8 -6.62 16.35 2.12
CA ARG A 8 -7.42 16.80 0.97
C ARG A 8 -8.39 15.72 0.49
N VAL A 9 -8.28 14.48 0.96
CA VAL A 9 -9.16 13.37 0.49
C VAL A 9 -10.40 13.32 1.39
N THR A 10 -11.61 13.53 0.83
CA THR A 10 -12.91 13.62 1.56
C THR A 10 -13.82 12.46 1.17
N LYS A 11 -14.42 11.79 2.15
CA LYS A 11 -15.43 10.76 1.87
C LYS A 11 -16.61 11.43 1.16
N PHE A 12 -17.11 10.83 0.09
CA PHE A 12 -18.07 11.50 -0.83
C PHE A 12 -18.89 10.47 -1.60
N GLY A 13 -20.22 10.52 -1.44
CA GLY A 13 -21.12 9.62 -2.17
C GLY A 13 -20.75 8.19 -1.85
N SER A 14 -20.61 7.35 -2.88
CA SER A 14 -20.18 5.93 -2.75
C SER A 14 -18.65 5.78 -2.77
N GLY A 15 -17.91 6.87 -2.81
CA GLY A 15 -16.43 6.80 -2.74
C GLY A 15 -15.80 8.02 -2.10
N TRP A 16 -14.99 8.75 -2.88
CA TRP A 16 -14.07 9.82 -2.39
C TRP A 16 -14.01 10.97 -3.40
N GLY A 17 -13.50 12.11 -2.97
CA GLY A 17 -13.03 13.19 -3.84
C GLY A 17 -11.84 13.89 -3.20
N PHE A 18 -11.29 14.89 -3.90
CA PHE A 18 -9.98 15.50 -3.59
C PHE A 18 -10.05 17.01 -3.79
N TRP A 19 -9.58 17.73 -2.77
CA TRP A 19 -9.50 19.20 -2.77
C TRP A 19 -8.18 19.65 -3.43
N VAL A 20 -8.29 20.20 -4.66
CA VAL A 20 -7.14 20.81 -5.41
C VAL A 20 -6.80 22.17 -4.77
N SER A 21 -7.80 22.88 -4.23
CA SER A 21 -7.63 24.27 -3.69
C SER A 21 -8.77 24.52 -2.71
N PRO A 22 -8.79 25.69 -2.01
CA PRO A 22 -9.92 26.04 -1.15
C PRO A 22 -11.28 26.07 -1.87
N THR A 23 -11.28 26.22 -3.20
CA THR A 23 -12.50 26.37 -4.06
C THR A 23 -12.72 25.24 -5.06
N VAL A 24 -11.77 24.30 -5.22
CA VAL A 24 -11.87 23.28 -6.31
C VAL A 24 -11.83 21.86 -5.70
N PHE A 25 -12.82 21.04 -6.07
CA PHE A 25 -13.02 19.62 -5.62
C PHE A 25 -13.22 18.73 -6.86
N ILE A 26 -12.44 17.68 -7.00
CA ILE A 26 -12.54 16.73 -8.15
C ILE A 26 -12.99 15.37 -7.66
N THR A 27 -13.73 14.64 -8.50
CA THR A 27 -14.18 13.27 -8.17
C THR A 27 -14.45 12.51 -9.46
N THR A 28 -14.79 11.24 -9.29
CA THR A 28 -15.27 10.34 -10.36
C THR A 28 -16.79 10.47 -10.50
N THR A 29 -17.25 10.72 -11.70
CA THR A 29 -18.66 11.10 -11.96
C THR A 29 -19.62 10.09 -11.32
N HIS A 30 -19.36 8.78 -11.43
CA HIS A 30 -20.36 7.76 -11.00
C HIS A 30 -20.50 7.67 -9.46
N VAL A 31 -19.61 8.25 -8.62
CA VAL A 31 -19.80 8.19 -7.14
C VAL A 31 -20.77 9.29 -6.69
N ILE A 32 -21.11 10.27 -7.54
CA ILE A 32 -21.87 11.49 -7.13
C ILE A 32 -23.31 11.04 -6.91
N PRO A 33 -23.93 11.34 -5.74
CA PRO A 33 -25.33 10.97 -5.53
C PRO A 33 -26.21 11.71 -6.58
N THR A 34 -26.97 10.95 -7.37
CA THR A 34 -27.70 11.53 -8.53
C THR A 34 -28.79 12.52 -8.04
N SER A 35 -29.33 12.36 -6.83
CA SER A 35 -30.39 13.28 -6.32
C SER A 35 -29.83 14.58 -5.71
N ALA A 36 -28.51 14.70 -5.46
CA ALA A 36 -27.93 15.75 -4.59
C ALA A 36 -28.14 17.17 -5.18
N LYS A 37 -28.61 18.12 -4.36
CA LYS A 37 -28.88 19.55 -4.70
C LYS A 37 -28.12 20.53 -3.82
N GLU A 38 -27.29 20.01 -2.90
CA GLU A 38 -26.51 20.81 -1.94
C GLU A 38 -25.16 20.09 -1.71
N PHE A 39 -24.05 20.81 -1.81
CA PHE A 39 -22.72 20.25 -1.47
C PHE A 39 -21.92 21.20 -0.59
N PHE A 40 -21.42 20.66 0.53
CA PHE A 40 -20.62 21.39 1.55
C PHE A 40 -21.33 22.66 2.03
N GLY A 41 -22.66 22.62 2.13
CA GLY A 41 -23.49 23.72 2.65
C GLY A 41 -23.85 24.75 1.58
N GLU A 42 -23.56 24.45 0.31
CA GLU A 42 -23.76 25.39 -0.81
C GLU A 42 -24.82 24.83 -1.74
N PRO A 43 -25.74 25.68 -2.28
CA PRO A 43 -26.73 25.22 -3.26
C PRO A 43 -26.09 25.02 -4.64
N LEU A 44 -26.62 24.10 -5.45
CA LEU A 44 -26.17 23.85 -6.86
C LEU A 44 -25.98 25.15 -7.65
N THR A 45 -26.94 26.05 -7.43
CA THR A 45 -26.98 27.51 -7.78
C THR A 45 -25.62 28.17 -7.73
N SER A 46 -24.82 27.85 -6.71
CA SER A 46 -23.57 28.57 -6.35
C SER A 46 -22.36 27.81 -6.88
N ILE A 47 -22.55 26.80 -7.73
CA ILE A 47 -21.44 25.89 -8.09
C ILE A 47 -21.33 25.76 -9.60
N ALA A 48 -20.08 25.84 -10.10
CA ALA A 48 -19.74 25.57 -11.51
C ALA A 48 -19.30 24.09 -11.65
N ILE A 49 -20.13 23.26 -12.29
CA ILE A 49 -19.79 21.82 -12.58
C ILE A 49 -19.20 21.69 -13.99
N HIS A 50 -18.02 21.08 -14.09
CA HIS A 50 -17.32 20.69 -15.35
C HIS A 50 -17.19 19.15 -15.41
N ARG A 51 -17.95 18.53 -16.30
CA ARG A 51 -18.04 17.05 -16.47
C ARG A 51 -17.46 16.66 -17.82
N ALA A 52 -16.48 15.76 -17.82
CA ALA A 52 -15.93 15.12 -19.03
C ALA A 52 -15.84 13.61 -18.79
N GLY A 53 -16.85 12.89 -19.21
CA GLY A 53 -16.96 11.44 -18.94
C GLY A 53 -16.87 11.17 -17.46
N GLU A 54 -15.90 10.34 -17.04
CA GLU A 54 -15.82 9.88 -15.63
C GLU A 54 -15.09 10.92 -14.75
N PHE A 55 -14.64 12.07 -15.29
CA PHE A 55 -13.98 13.15 -14.51
C PHE A 55 -14.98 14.26 -14.25
N THR A 56 -15.18 14.62 -12.99
CA THR A 56 -16.02 15.80 -12.65
C THR A 56 -15.26 16.78 -11.74
N LEU A 57 -15.33 18.06 -12.04
CA LEU A 57 -14.69 19.12 -11.21
C LEU A 57 -15.79 20.06 -10.70
N PHE A 58 -15.75 20.42 -9.41
CA PHE A 58 -16.68 21.40 -8.78
C PHE A 58 -15.87 22.65 -8.41
N ARG A 59 -16.31 23.81 -8.87
CA ARG A 59 -15.71 25.12 -8.49
C ARG A 59 -16.74 25.92 -7.69
N PHE A 60 -16.37 26.27 -6.45
CA PHE A 60 -17.26 26.97 -5.48
C PHE A 60 -17.02 28.47 -5.58
N SER A 61 -18.06 29.24 -5.26
CA SER A 61 -17.98 30.72 -5.22
C SER A 61 -17.42 31.18 -3.87
N LYS A 62 -17.26 30.30 -2.89
CA LYS A 62 -16.70 30.63 -1.56
C LYS A 62 -15.53 29.68 -1.24
N LYS A 63 -14.61 30.08 -0.37
CA LYS A 63 -13.57 29.16 0.12
C LYS A 63 -14.23 28.18 1.09
N ILE A 64 -14.37 26.94 0.64
CA ILE A 64 -14.89 25.83 1.49
C ILE A 64 -13.74 25.31 2.36
N ARG A 65 -12.53 25.20 1.80
CA ARG A 65 -11.38 24.64 2.56
C ARG A 65 -10.31 25.72 2.65
N PRO A 66 -10.43 26.79 3.48
CA PRO A 66 -9.41 27.85 3.54
C PRO A 66 -8.09 27.45 4.21
N ASP A 67 -8.05 26.27 4.84
CA ASP A 67 -6.86 25.65 5.44
C ASP A 67 -5.86 25.21 4.34
N LEU A 68 -6.30 25.07 3.09
CA LEU A 68 -5.44 24.47 2.01
C LEU A 68 -4.85 25.57 1.14
N THR A 69 -3.76 25.23 0.45
CA THR A 69 -3.17 26.01 -0.67
C THR A 69 -3.59 25.35 -1.99
N GLY A 70 -3.65 26.13 -3.07
CA GLY A 70 -3.92 25.58 -4.40
C GLY A 70 -2.72 24.80 -4.87
N MET A 71 -2.90 23.58 -5.39
CA MET A 71 -1.78 22.77 -5.95
C MET A 71 -2.01 22.54 -7.46
N ILE A 72 -1.02 21.95 -8.14
CA ILE A 72 -1.11 21.67 -9.61
C ILE A 72 -1.99 20.44 -9.89
N LEU A 73 -3.05 20.64 -10.70
CA LEU A 73 -3.79 19.56 -11.40
C LEU A 73 -3.33 19.47 -12.85
N GLU A 74 -2.85 18.30 -13.24
CA GLU A 74 -2.52 18.08 -14.68
C GLU A 74 -3.42 17.07 -15.38
N GLU A 75 -3.43 17.07 -16.72
CA GLU A 75 -4.23 16.12 -17.56
C GLU A 75 -3.48 14.80 -17.75
N GLY A 76 -3.61 13.92 -16.78
CA GLY A 76 -2.81 12.67 -16.72
C GLY A 76 -1.35 12.99 -16.52
N CYS A 77 -0.48 11.99 -16.78
CA CYS A 77 1.00 12.15 -16.65
C CYS A 77 1.74 11.42 -17.77
N PRO A 78 3.06 11.69 -17.96
CA PRO A 78 3.82 11.01 -18.99
C PRO A 78 3.72 9.50 -18.74
N GLU A 79 3.61 8.78 -19.86
CA GLU A 79 3.59 7.31 -19.81
C GLU A 79 4.91 6.93 -19.10
N GLY A 80 4.81 5.99 -18.18
CA GLY A 80 5.93 5.47 -17.42
C GLY A 80 6.11 6.08 -16.04
N THR A 81 5.46 7.22 -15.72
CA THR A 81 5.41 7.83 -14.37
C THR A 81 4.93 6.80 -13.35
N VAL A 82 5.56 6.71 -12.19
CA VAL A 82 5.00 5.95 -11.05
C VAL A 82 4.22 6.90 -10.14
N CYS A 83 2.94 6.62 -9.93
CA CYS A 83 2.03 7.42 -9.07
C CYS A 83 1.70 6.61 -7.81
N SER A 84 1.14 7.28 -6.81
CA SER A 84 0.47 6.69 -5.64
C SER A 84 -1.04 7.05 -5.70
N VAL A 85 -1.90 6.07 -5.49
CA VAL A 85 -3.38 6.24 -5.39
C VAL A 85 -3.71 6.35 -3.89
N LEU A 86 -4.24 7.50 -3.45
CA LEU A 86 -4.33 7.74 -1.98
C LEU A 86 -5.68 7.15 -1.46
N ILE A 87 -5.64 5.90 -1.02
CA ILE A 87 -6.88 5.13 -0.68
C ILE A 87 -7.02 5.08 0.86
N LYS A 88 -8.14 5.56 1.41
CA LYS A 88 -8.37 5.42 2.87
C LYS A 88 -9.18 4.13 3.10
N ARG A 89 -8.76 3.33 4.11
CA ARG A 89 -9.42 2.02 4.44
C ARG A 89 -9.85 1.98 5.92
N ASP A 90 -10.62 0.96 6.30
CA ASP A 90 -11.25 0.78 7.64
C ASP A 90 -10.12 0.82 8.66
N SER A 91 -10.21 1.76 9.60
CA SER A 91 -9.39 1.86 10.81
C SER A 91 -8.62 3.18 10.87
N GLY A 92 -8.94 4.22 10.11
CA GLY A 92 -7.91 5.25 9.85
C GLY A 92 -6.64 4.63 9.21
N GLU A 93 -6.76 3.54 8.45
CA GLU A 93 -5.56 3.02 7.73
C GLU A 93 -5.46 3.73 6.39
N LEU A 94 -4.21 3.99 5.98
CA LEU A 94 -3.91 4.80 4.78
C LEU A 94 -3.13 3.90 3.80
N LEU A 95 -3.66 3.65 2.59
CA LEU A 95 -3.06 2.72 1.59
C LEU A 95 -2.63 3.50 0.31
N PRO A 96 -1.37 4.01 0.23
CA PRO A 96 -0.89 4.69 -0.98
C PRO A 96 -0.37 3.70 -2.04
N LEU A 97 -1.29 3.19 -2.86
CA LEU A 97 -0.96 2.04 -3.75
C LEU A 97 -0.07 2.56 -4.90
N ALA A 98 1.08 1.91 -5.12
CA ALA A 98 2.02 2.27 -6.22
C ALA A 98 1.48 1.75 -7.57
N VAL A 99 1.50 2.61 -8.58
CA VAL A 99 0.94 2.33 -9.94
C VAL A 99 1.90 2.87 -11.00
N ARG A 100 2.33 2.04 -11.97
CA ARG A 100 3.05 2.57 -13.17
C ARG A 100 2.05 2.90 -14.28
N MET A 101 2.07 4.14 -14.73
CA MET A 101 1.04 4.70 -15.63
C MET A 101 1.44 4.36 -17.08
N GLY A 102 0.43 4.04 -17.88
CA GLY A 102 0.55 3.76 -19.33
C GLY A 102 -0.18 4.75 -20.21
N ALA A 103 -0.68 4.23 -21.33
CA ALA A 103 -1.40 5.02 -22.36
C ALA A 103 -2.82 5.34 -21.93
N ILE A 104 -3.37 6.36 -22.58
CA ILE A 104 -4.83 6.64 -22.62
C ILE A 104 -5.49 5.44 -23.31
N ALA A 105 -6.59 4.93 -22.73
CA ALA A 105 -7.25 3.67 -23.12
C ALA A 105 -8.76 3.73 -22.97
N SER A 106 -9.43 3.00 -23.85
CA SER A 106 -10.87 2.70 -23.76
C SER A 106 -11.02 1.20 -23.48
N MET A 107 -11.78 0.83 -22.43
CA MET A 107 -11.93 -0.58 -21.97
C MET A 107 -13.40 -0.91 -21.64
N ARG A 108 -13.68 -2.19 -21.53
CA ARG A 108 -14.96 -2.75 -21.01
C ARG A 108 -14.62 -3.49 -19.73
N ILE A 109 -15.09 -3.00 -18.59
CA ILE A 109 -14.80 -3.53 -17.23
C ILE A 109 -16.13 -3.86 -16.55
N GLN A 110 -16.36 -5.14 -16.29
CA GLN A 110 -17.59 -5.61 -15.65
C GLN A 110 -18.75 -5.06 -16.49
N GLY A 111 -18.66 -5.16 -17.83
CA GLY A 111 -19.76 -4.78 -18.75
C GLY A 111 -19.82 -3.29 -19.07
N ARG A 112 -19.32 -2.40 -18.19
CA ARG A 112 -19.32 -0.92 -18.35
C ARG A 112 -18.16 -0.45 -19.24
N LEU A 113 -18.40 0.58 -20.07
CA LEU A 113 -17.33 1.18 -20.95
C LEU A 113 -16.67 2.32 -20.20
N VAL A 114 -15.33 2.28 -20.13
CA VAL A 114 -14.50 3.19 -19.31
C VAL A 114 -13.38 3.78 -20.19
N HIS A 115 -13.10 5.07 -20.00
CA HIS A 115 -12.05 5.83 -20.74
C HIS A 115 -11.20 6.63 -19.77
N GLY A 116 -9.89 6.51 -19.87
CA GLY A 116 -8.97 7.25 -18.98
C GLY A 116 -7.53 6.88 -19.23
N GLN A 117 -6.66 7.21 -18.30
CA GLN A 117 -5.24 6.80 -18.40
C GLN A 117 -5.08 5.45 -17.69
N SER A 118 -4.63 4.41 -18.41
CA SER A 118 -4.46 3.07 -17.78
C SER A 118 -3.16 3.04 -16.99
N GLY A 119 -3.11 2.09 -16.07
CA GLY A 119 -1.92 1.82 -15.24
C GLY A 119 -1.88 0.39 -14.72
N MET A 120 -0.72 -0.05 -14.23
CA MET A 120 -0.52 -1.39 -13.63
C MET A 120 -0.05 -1.23 -12.18
N LEU A 121 -0.77 -1.85 -11.25
CA LEU A 121 -0.37 -1.84 -9.82
C LEU A 121 1.01 -2.51 -9.69
N LEU A 122 1.84 -1.93 -8.80
CA LEU A 122 3.18 -2.46 -8.42
C LEU A 122 3.17 -2.99 -7.00
N THR A 123 2.10 -3.69 -6.60
CA THR A 123 1.89 -4.11 -5.19
C THR A 123 2.07 -5.61 -5.01
N GLY A 124 2.00 -6.40 -6.10
CA GLY A 124 2.12 -7.87 -6.07
C GLY A 124 1.91 -8.50 -7.44
N ALA A 125 1.91 -9.82 -7.53
CA ALA A 125 1.84 -10.53 -8.84
C ALA A 125 0.45 -10.30 -9.49
N ASN A 126 -0.55 -10.53 -8.66
CA ASN A 126 -2.01 -10.46 -8.95
C ASN A 126 -2.66 -9.72 -7.78
N ALA A 127 -3.15 -8.51 -8.00
CA ALA A 127 -3.69 -7.63 -6.94
C ALA A 127 -5.18 -7.90 -6.72
N LYS A 128 -5.69 -9.11 -6.98
CA LYS A 128 -7.12 -9.36 -6.70
C LYS A 128 -7.35 -9.20 -5.19
N GLY A 129 -8.38 -8.46 -4.78
CA GLY A 129 -8.77 -8.37 -3.35
C GLY A 129 -8.24 -7.13 -2.64
N MET A 130 -8.66 -6.96 -1.38
CA MET A 130 -8.54 -5.66 -0.67
C MET A 130 -7.14 -5.50 -0.05
N ASP A 131 -6.31 -6.55 0.05
CA ASP A 131 -4.99 -6.40 0.76
C ASP A 131 -3.95 -5.74 -0.18
N LEU A 132 -3.97 -6.09 -1.46
CA LEU A 132 -2.95 -5.61 -2.44
C LEU A 132 -3.57 -4.73 -3.52
N GLY A 133 -4.89 -4.71 -3.62
CA GLY A 133 -5.61 -4.06 -4.75
C GLY A 133 -6.71 -3.13 -4.30
N THR A 134 -7.43 -2.61 -5.30
CA THR A 134 -8.59 -1.68 -5.14
C THR A 134 -9.90 -2.46 -5.01
N ILE A 135 -10.89 -1.81 -4.43
CA ILE A 135 -12.31 -2.26 -4.28
C ILE A 135 -13.21 -1.15 -4.83
N PRO A 136 -14.49 -1.44 -5.14
CA PRO A 136 -15.40 -0.46 -5.73
C PRO A 136 -15.50 0.84 -4.93
N GLY A 137 -15.42 0.76 -3.59
CA GLY A 137 -15.60 1.95 -2.72
C GLY A 137 -14.37 2.88 -2.74
N ASP A 138 -13.30 2.51 -3.49
CA ASP A 138 -12.09 3.37 -3.64
C ASP A 138 -12.27 4.39 -4.79
N CYS A 139 -13.30 4.29 -5.60
CA CYS A 139 -13.46 5.23 -6.73
C CYS A 139 -13.49 6.67 -6.24
N GLY A 140 -12.86 7.54 -7.02
CA GLY A 140 -12.66 8.96 -6.70
C GLY A 140 -11.35 9.28 -5.97
N ALA A 141 -10.59 8.29 -5.49
CA ALA A 141 -9.29 8.50 -4.84
C ALA A 141 -8.29 9.14 -5.83
N PRO A 142 -7.47 10.12 -5.38
CA PRO A 142 -6.55 10.81 -6.29
C PRO A 142 -5.30 9.99 -6.65
N TYR A 143 -4.86 10.15 -7.90
CA TYR A 143 -3.53 9.71 -8.39
C TYR A 143 -2.56 10.89 -8.25
N VAL A 144 -1.48 10.73 -7.45
CA VAL A 144 -0.47 11.81 -7.28
C VAL A 144 0.93 11.28 -7.61
N TYR A 145 1.85 12.21 -7.91
CA TYR A 145 3.29 11.90 -7.95
C TYR A 145 4.10 13.14 -7.57
N LYS A 146 5.36 12.89 -7.23
CA LYS A 146 6.30 13.96 -6.84
C LYS A 146 7.23 14.30 -8.01
N ARG A 147 7.49 15.57 -8.26
CA ARG A 147 8.60 16.00 -9.14
C ARG A 147 9.78 16.37 -8.23
N ALA A 148 10.69 17.19 -8.73
CA ALA A 148 11.66 17.94 -7.90
C ALA A 148 10.87 19.00 -7.13
N ASN A 149 10.74 18.81 -5.83
CA ASN A 149 10.10 19.72 -4.84
C ASN A 149 8.57 19.65 -4.88
N ASP A 150 7.92 19.63 -6.05
CA ASP A 150 6.43 19.70 -6.23
C ASP A 150 5.76 18.32 -6.08
N TRP A 151 4.55 18.26 -5.53
CA TRP A 151 3.61 17.14 -5.74
C TRP A 151 2.52 17.58 -6.73
N VAL A 152 2.04 16.65 -7.55
CA VAL A 152 1.06 16.91 -8.65
C VAL A 152 -0.07 15.91 -8.46
N VAL A 153 -1.32 16.32 -8.76
CA VAL A 153 -2.47 15.40 -8.92
C VAL A 153 -2.81 15.34 -10.40
N CYS A 154 -3.07 14.12 -10.90
CA CYS A 154 -3.24 13.95 -12.37
C CYS A 154 -4.49 13.18 -12.74
N GLY A 155 -5.37 12.87 -11.76
CA GLY A 155 -6.59 12.11 -12.06
C GLY A 155 -7.24 11.48 -10.83
N VAL A 156 -8.37 10.82 -11.02
CA VAL A 156 -9.13 10.14 -9.93
C VAL A 156 -9.49 8.72 -10.35
N HIS A 157 -9.58 7.82 -9.38
CA HIS A 157 -9.76 6.36 -9.62
C HIS A 157 -11.15 6.10 -10.21
N ALA A 158 -11.21 5.50 -11.41
CA ALA A 158 -12.48 5.25 -12.11
C ALA A 158 -12.87 3.77 -12.13
N ALA A 159 -11.88 2.89 -12.29
CA ALA A 159 -12.17 1.45 -12.42
C ALA A 159 -10.91 0.58 -12.27
N ALA A 160 -11.15 -0.70 -12.11
CA ALA A 160 -10.12 -1.75 -12.09
C ALA A 160 -10.67 -3.04 -12.67
N THR A 161 -9.77 -3.84 -13.29
CA THR A 161 -10.14 -5.17 -13.85
C THR A 161 -10.37 -6.22 -12.74
N LYS A 162 -11.16 -7.25 -13.08
CA LYS A 162 -11.43 -8.46 -12.25
C LYS A 162 -10.13 -9.06 -11.66
N SER A 163 -9.10 -9.27 -12.46
CA SER A 163 -7.76 -9.76 -11.99
C SER A 163 -7.18 -8.80 -10.98
N GLY A 164 -7.61 -7.55 -11.03
CA GLY A 164 -7.09 -6.48 -10.14
C GLY A 164 -5.79 -5.82 -10.62
N ASN A 165 -5.00 -6.37 -11.57
CA ASN A 165 -3.72 -5.72 -11.99
C ASN A 165 -3.89 -4.37 -12.73
N THR A 166 -4.86 -4.19 -13.61
CA THR A 166 -5.00 -2.94 -14.41
C THR A 166 -5.99 -1.99 -13.72
N VAL A 167 -5.63 -0.71 -13.65
CA VAL A 167 -6.51 0.38 -13.12
C VAL A 167 -6.67 1.45 -14.20
N VAL A 168 -7.71 2.28 -14.04
CA VAL A 168 -7.98 3.44 -14.94
C VAL A 168 -8.19 4.65 -14.04
N CYS A 169 -7.46 5.70 -14.38
CA CYS A 169 -7.42 7.06 -13.82
C CYS A 169 -8.29 7.93 -14.77
N ALA A 170 -9.43 8.48 -14.34
CA ALA A 170 -10.16 9.53 -15.12
C ALA A 170 -9.36 10.83 -15.09
N VAL A 171 -9.26 11.51 -16.23
CA VAL A 171 -8.42 12.73 -16.41
C VAL A 171 -9.29 13.89 -16.96
N GLN A 172 -8.83 15.10 -16.64
CA GLN A 172 -9.41 16.39 -17.05
C GLN A 172 -9.34 16.52 -18.56
N PRO B 1 -14.04 -8.75 9.24
CA PRO B 1 -13.60 -9.63 8.13
C PRO B 1 -12.08 -9.70 7.98
N PRO B 2 -11.49 -10.92 7.82
CA PRO B 2 -10.05 -11.10 8.04
C PRO B 2 -9.18 -10.29 7.06
N THR B 3 -8.09 -9.68 7.53
CA THR B 3 -7.08 -9.06 6.62
C THR B 3 -5.68 -9.55 7.02
N LEU B 4 -4.79 -9.74 6.04
CA LEU B 4 -3.38 -10.06 6.29
C LEU B 4 -2.75 -8.92 7.10
N TRP B 5 -3.22 -7.68 6.90
CA TRP B 5 -2.63 -6.49 7.55
C TRP B 5 -2.76 -6.55 9.06
N SER B 6 -3.84 -7.16 9.55
CA SER B 6 -4.15 -7.40 10.98
C SER B 6 -3.01 -8.16 11.65
N ARG B 7 -2.30 -9.02 10.91
CA ARG B 7 -1.25 -9.91 11.47
C ARG B 7 0.12 -9.17 11.56
N VAL B 8 0.27 -8.02 10.90
CA VAL B 8 1.51 -7.18 10.98
C VAL B 8 1.43 -6.29 12.22
N THR B 9 2.42 -6.39 13.10
CA THR B 9 2.41 -5.87 14.51
C THR B 9 3.74 -5.17 14.83
N LYS B 10 3.68 -3.99 15.43
CA LYS B 10 4.86 -3.25 15.88
C LYS B 10 5.62 -4.07 16.94
N PHE B 11 6.96 -4.17 16.81
CA PHE B 11 7.76 -5.06 17.69
C PHE B 11 9.23 -4.61 17.74
N GLY B 12 9.70 -4.26 18.95
CA GLY B 12 11.09 -3.84 19.21
C GLY B 12 11.46 -2.65 18.32
N SER B 13 12.50 -2.74 17.49
CA SER B 13 12.89 -1.62 16.60
C SER B 13 12.30 -1.77 15.19
N GLY B 14 11.37 -2.68 15.02
CA GLY B 14 10.74 -2.96 13.72
C GLY B 14 9.35 -3.56 13.91
N TRP B 15 9.09 -4.70 13.23
CA TRP B 15 7.75 -5.28 13.07
C TRP B 15 7.87 -6.80 13.14
N GLY B 16 6.73 -7.47 13.29
CA GLY B 16 6.61 -8.91 13.13
C GLY B 16 5.26 -9.33 12.56
N PHE B 17 5.05 -10.63 12.41
CA PHE B 17 3.88 -11.16 11.69
C PHE B 17 3.35 -12.42 12.40
N TRP B 18 2.05 -12.42 12.76
CA TRP B 18 1.31 -13.58 13.32
C TRP B 18 0.97 -14.58 12.19
N VAL B 19 1.61 -15.76 12.25
CA VAL B 19 1.38 -16.89 11.31
C VAL B 19 0.10 -17.64 11.74
N SER B 20 -0.12 -17.68 13.05
CA SER B 20 -1.22 -18.45 13.71
C SER B 20 -1.55 -17.82 15.05
N PRO B 21 -2.61 -18.26 15.78
CA PRO B 21 -2.84 -17.72 17.13
C PRO B 21 -1.64 -17.77 18.11
N THR B 22 -0.74 -18.74 17.93
CA THR B 22 0.40 -19.01 18.85
C THR B 22 1.79 -18.79 18.24
N VAL B 23 1.89 -18.43 16.96
CA VAL B 23 3.18 -18.37 16.22
C VAL B 23 3.37 -16.96 15.63
N PHE B 24 4.47 -16.29 16.03
CA PHE B 24 4.89 -14.92 15.61
C PHE B 24 6.33 -14.98 15.05
N ILE B 25 6.55 -14.47 13.84
CA ILE B 25 7.89 -14.39 13.20
C ILE B 25 8.38 -12.94 13.11
N THR B 26 9.70 -12.75 13.17
CA THR B 26 10.34 -11.41 13.06
C THR B 26 11.81 -11.55 12.65
N THR B 27 12.45 -10.40 12.48
CA THR B 27 13.87 -10.28 12.13
C THR B 27 14.69 -10.20 13.43
N THR B 28 15.66 -11.07 13.56
CA THR B 28 16.45 -11.26 14.81
C THR B 28 16.94 -9.90 15.38
N HIS B 29 17.53 -9.03 14.56
CA HIS B 29 18.17 -7.78 15.06
C HIS B 29 17.14 -6.78 15.61
N VAL B 30 15.84 -6.91 15.34
CA VAL B 30 14.87 -5.89 15.90
C VAL B 30 14.36 -6.30 17.29
N ILE B 31 14.61 -7.53 17.72
CA ILE B 31 14.08 -8.02 19.03
C ILE B 31 14.77 -7.30 20.20
N PRO B 32 14.02 -6.83 21.20
CA PRO B 32 14.70 -6.30 22.39
C PRO B 32 15.66 -7.33 23.04
N THR B 33 16.80 -6.85 23.56
CA THR B 33 17.85 -7.64 24.29
C THR B 33 17.68 -7.58 25.81
N SER B 34 16.81 -6.71 26.30
CA SER B 34 16.33 -6.75 27.71
C SER B 34 14.79 -6.94 27.76
N ALA B 35 14.28 -8.08 28.26
CA ALA B 35 12.83 -8.37 28.33
C ALA B 35 12.49 -9.53 29.29
N LYS B 36 11.44 -9.38 30.11
CA LYS B 36 10.89 -10.50 30.91
C LYS B 36 9.51 -10.92 30.36
N GLU B 37 8.90 -10.21 29.42
CA GLU B 37 7.63 -10.65 28.77
C GLU B 37 7.49 -10.06 27.36
N PHE B 38 6.75 -10.73 26.49
CA PHE B 38 6.24 -10.21 25.21
C PHE B 38 4.74 -10.47 25.11
N PHE B 39 3.96 -9.49 24.66
CA PHE B 39 2.49 -9.60 24.47
C PHE B 39 1.87 -10.16 25.78
N GLY B 40 2.38 -9.69 26.92
CA GLY B 40 1.84 -10.01 28.27
C GLY B 40 2.18 -11.41 28.76
N GLU B 41 2.96 -12.17 28.00
CA GLU B 41 3.26 -13.60 28.34
C GLU B 41 4.70 -13.64 28.84
N PRO B 42 4.95 -14.35 29.98
CA PRO B 42 6.31 -14.40 30.51
C PRO B 42 7.25 -15.19 29.57
N LEU B 43 8.47 -14.68 29.46
CA LEU B 43 9.48 -15.22 28.52
C LEU B 43 9.75 -16.69 28.86
N THR B 44 9.64 -17.04 30.15
N THR B 44 9.61 -17.07 30.13
CA THR B 44 9.61 -18.44 30.67
CA THR B 44 9.70 -18.48 30.60
C THR B 44 8.71 -19.34 29.81
C THR B 44 8.60 -19.38 29.99
N SER B 45 7.57 -18.84 29.30
CA SER B 45 6.50 -19.63 28.61
C SER B 45 6.60 -19.59 27.08
N ILE B 46 7.68 -19.04 26.49
CA ILE B 46 7.80 -18.87 25.00
C ILE B 46 9.01 -19.66 24.47
N ALA B 47 8.78 -20.53 23.48
CA ALA B 47 9.86 -21.17 22.70
C ALA B 47 10.39 -20.15 21.68
N ILE B 48 11.71 -19.96 21.62
CA ILE B 48 12.40 -19.10 20.62
C ILE B 48 13.31 -20.02 19.79
N HIS B 49 13.10 -20.00 18.48
CA HIS B 49 13.88 -20.69 17.42
C HIS B 49 14.52 -19.65 16.53
N ARG B 50 15.85 -19.56 16.58
CA ARG B 50 16.56 -18.53 15.80
C ARG B 50 17.45 -19.23 14.76
N ALA B 51 17.48 -18.69 13.55
CA ALA B 51 18.34 -19.11 12.43
C ALA B 51 18.79 -17.85 11.67
N GLY B 52 19.98 -17.36 12.00
CA GLY B 52 20.56 -16.10 11.52
C GLY B 52 19.60 -14.96 11.78
N GLU B 53 19.16 -14.29 10.71
CA GLU B 53 18.29 -13.09 10.82
C GLU B 53 16.79 -13.49 10.84
N PHE B 54 16.43 -14.78 10.92
CA PHE B 54 15.02 -15.22 11.04
C PHE B 54 14.77 -15.74 12.47
N THR B 55 13.82 -15.16 13.21
CA THR B 55 13.41 -15.72 14.52
C THR B 55 11.90 -16.07 14.50
N LEU B 56 11.58 -17.23 15.09
CA LEU B 56 10.19 -17.71 15.34
C LEU B 56 9.92 -17.83 16.86
N PHE B 57 8.81 -17.25 17.33
CA PHE B 57 8.29 -17.40 18.72
C PHE B 57 7.08 -18.35 18.71
N ARG B 58 7.05 -19.34 19.62
CA ARG B 58 5.84 -20.18 19.82
C ARG B 58 5.35 -20.02 21.26
N PHE B 59 4.16 -19.43 21.43
CA PHE B 59 3.55 -19.12 22.75
C PHE B 59 2.78 -20.34 23.29
N SER B 60 2.67 -20.47 24.60
CA SER B 60 1.97 -21.61 25.24
C SER B 60 0.46 -21.34 25.33
N LYS B 61 -0.06 -20.15 24.99
CA LYS B 61 -1.53 -19.97 24.83
C LYS B 61 -1.85 -19.11 23.61
N LYS B 62 -3.15 -19.06 23.24
CA LYS B 62 -3.55 -18.27 22.05
C LYS B 62 -3.48 -16.80 22.41
N ILE B 63 -2.64 -16.07 21.71
CA ILE B 63 -2.51 -14.59 21.86
C ILE B 63 -3.46 -13.94 20.86
N ARG B 64 -3.64 -14.58 19.70
CA ARG B 64 -4.44 -14.00 18.59
C ARG B 64 -5.46 -15.06 18.17
N PRO B 65 -6.44 -15.38 19.06
CA PRO B 65 -7.42 -16.41 18.75
C PRO B 65 -8.38 -16.05 17.59
N ASP B 66 -8.37 -14.77 17.16
CA ASP B 66 -9.15 -14.29 15.99
C ASP B 66 -8.53 -14.81 14.69
N LEU B 67 -7.29 -15.32 14.70
CA LEU B 67 -6.64 -15.71 13.41
C LEU B 67 -6.76 -17.20 13.14
N THR B 68 -6.78 -17.56 11.84
CA THR B 68 -6.47 -18.94 11.37
C THR B 68 -4.95 -19.11 11.12
N GLY B 69 -4.47 -20.33 11.14
CA GLY B 69 -3.07 -20.68 10.75
C GLY B 69 -2.88 -20.61 9.25
N MET B 70 -1.80 -19.97 8.88
CA MET B 70 -1.32 -19.75 7.49
C MET B 70 -0.16 -20.68 7.17
N ILE B 71 0.08 -20.92 5.87
CA ILE B 71 1.29 -21.66 5.36
C ILE B 71 2.57 -20.81 5.50
N LEU B 72 3.58 -21.34 6.20
CA LEU B 72 4.95 -20.78 6.31
C LEU B 72 5.93 -21.72 5.58
N GLU B 73 6.63 -21.19 4.62
CA GLU B 73 7.64 -21.97 3.83
C GLU B 73 9.01 -21.28 3.89
N GLU B 74 10.06 -22.03 3.54
CA GLU B 74 11.48 -21.59 3.58
C GLU B 74 11.79 -20.86 2.26
N GLY B 75 11.39 -19.60 2.09
CA GLY B 75 11.61 -18.86 0.84
C GLY B 75 10.59 -19.30 -0.20
N CYS B 76 10.80 -18.96 -1.46
CA CYS B 76 9.87 -19.25 -2.60
C CYS B 76 10.68 -19.51 -3.87
N PRO B 77 10.07 -20.11 -4.92
CA PRO B 77 10.79 -20.30 -6.19
C PRO B 77 11.37 -18.98 -6.76
N GLU B 78 12.50 -19.02 -7.45
CA GLU B 78 13.03 -17.83 -8.15
C GLU B 78 12.05 -17.38 -9.23
N GLY B 79 11.87 -16.06 -9.35
CA GLY B 79 10.93 -15.46 -10.30
C GLY B 79 9.58 -15.19 -9.63
N THR B 80 9.31 -15.81 -8.49
CA THR B 80 8.05 -15.46 -7.75
C THR B 80 8.02 -13.95 -7.49
N VAL B 81 6.91 -13.29 -7.80
CA VAL B 81 6.68 -11.88 -7.36
C VAL B 81 5.92 -11.85 -6.02
N CYS B 82 6.67 -11.58 -4.94
CA CYS B 82 6.19 -11.48 -3.55
C CYS B 82 5.69 -10.04 -3.31
N SER B 83 4.90 -9.85 -2.26
CA SER B 83 4.58 -8.52 -1.70
C SER B 83 5.24 -8.42 -0.31
N VAL B 84 6.01 -7.38 -0.05
CA VAL B 84 6.46 -7.04 1.32
C VAL B 84 5.39 -6.11 1.94
N LEU B 85 4.78 -6.57 3.06
CA LEU B 85 3.66 -5.86 3.73
C LEU B 85 4.24 -4.85 4.77
N ILE B 86 4.65 -3.69 4.30
CA ILE B 86 5.32 -2.67 5.15
C ILE B 86 4.21 -1.87 5.89
N LYS B 87 4.26 -1.83 7.21
CA LYS B 87 3.53 -0.79 8.03
C LYS B 87 4.49 0.33 8.47
N ARG B 88 3.98 1.55 8.41
CA ARG B 88 4.73 2.77 8.79
C ARG B 88 4.11 3.37 10.06
N ASP B 89 4.89 4.05 10.88
CA ASP B 89 4.35 4.74 12.09
C ASP B 89 3.46 5.91 11.67
N SER B 90 3.48 6.38 10.44
CA SER B 90 2.51 7.39 9.90
C SER B 90 1.05 6.88 9.89
N GLY B 91 0.84 5.58 9.92
CA GLY B 91 -0.45 4.92 9.68
C GLY B 91 -0.61 4.39 8.27
N GLU B 92 0.40 4.54 7.42
CA GLU B 92 0.32 4.02 6.03
C GLU B 92 0.68 2.53 5.99
N LEU B 93 -0.01 1.85 5.08
CA LEU B 93 0.20 0.45 4.65
C LEU B 93 0.81 0.50 3.25
N LEU B 94 1.98 -0.08 3.05
CA LEU B 94 2.73 0.04 1.78
C LEU B 94 3.09 -1.35 1.24
N PRO B 95 2.17 -2.05 0.52
CA PRO B 95 2.51 -3.34 -0.08
C PRO B 95 3.37 -3.10 -1.33
N LEU B 96 4.60 -3.61 -1.34
CA LEU B 96 5.46 -3.43 -2.57
C LEU B 96 5.82 -4.78 -3.22
N ALA B 97 5.65 -4.84 -4.56
CA ALA B 97 6.05 -6.02 -5.37
C ALA B 97 7.60 -6.18 -5.36
N VAL B 98 8.07 -7.41 -5.14
CA VAL B 98 9.51 -7.76 -5.10
C VAL B 98 9.71 -9.04 -5.94
N ARG B 99 10.56 -9.01 -7.00
CA ARG B 99 10.89 -10.22 -7.82
C ARG B 99 12.01 -10.98 -7.08
N MET B 100 11.76 -12.24 -6.72
CA MET B 100 12.62 -13.00 -5.81
C MET B 100 13.67 -13.79 -6.64
N GLY B 101 14.89 -13.78 -6.12
CA GLY B 101 16.08 -14.43 -6.67
C GLY B 101 16.58 -15.55 -5.77
N ALA B 102 17.84 -15.85 -5.89
CA ALA B 102 18.53 -16.94 -5.18
C ALA B 102 18.77 -16.59 -3.71
N ILE B 103 18.89 -17.63 -2.92
CA ILE B 103 19.54 -17.62 -1.57
C ILE B 103 21.01 -17.27 -1.74
N ALA B 104 21.53 -16.39 -0.90
CA ALA B 104 22.95 -15.99 -0.96
C ALA B 104 23.36 -15.28 0.32
N SER B 105 24.67 -15.19 0.53
CA SER B 105 25.27 -14.20 1.45
C SER B 105 25.62 -12.95 0.67
N MET B 106 25.06 -11.81 1.09
CA MET B 106 25.17 -10.56 0.31
C MET B 106 25.72 -9.45 1.18
N ARG B 107 26.53 -8.62 0.56
CA ARG B 107 27.15 -7.42 1.15
C ARG B 107 26.16 -6.29 0.94
N ILE B 108 25.52 -5.88 2.02
CA ILE B 108 24.49 -4.80 2.04
C ILE B 108 24.97 -3.67 2.97
N GLN B 109 25.20 -2.50 2.41
CA GLN B 109 25.77 -1.34 3.14
C GLN B 109 27.04 -1.88 3.83
N GLY B 110 27.19 -1.85 5.14
CA GLY B 110 28.46 -2.39 5.71
C GLY B 110 28.67 -3.90 5.50
N ARG B 111 27.62 -4.70 5.44
CA ARG B 111 27.64 -5.98 6.19
C ARG B 111 27.10 -7.15 5.36
N LEU B 112 27.40 -8.36 5.86
CA LEU B 112 27.02 -9.69 5.29
C LEU B 112 25.69 -10.13 5.86
N VAL B 113 24.74 -10.34 4.96
CA VAL B 113 23.35 -10.77 5.28
C VAL B 113 23.01 -11.98 4.42
N HIS B 114 22.62 -13.07 5.08
CA HIS B 114 22.18 -14.35 4.48
C HIS B 114 20.66 -14.45 4.39
N GLY B 115 20.16 -14.66 3.17
CA GLY B 115 18.73 -14.93 2.90
C GLY B 115 18.41 -14.90 1.41
N GLN B 116 17.12 -14.72 1.06
CA GLN B 116 16.66 -14.70 -0.33
C GLN B 116 16.70 -13.26 -0.87
N SER B 117 17.51 -13.03 -1.90
CA SER B 117 17.58 -11.75 -2.64
C SER B 117 16.23 -11.46 -3.31
N GLY B 118 15.91 -10.19 -3.47
CA GLY B 118 14.85 -9.71 -4.39
C GLY B 118 15.14 -8.30 -4.94
N MET B 119 14.40 -7.90 -5.96
CA MET B 119 14.45 -6.52 -6.52
C MET B 119 13.05 -5.90 -6.54
N LEU B 120 12.91 -4.65 -6.11
CA LEU B 120 11.57 -3.98 -6.12
C LEU B 120 11.15 -3.70 -7.58
N LEU B 121 9.87 -3.90 -7.92
CA LEU B 121 9.32 -3.58 -9.29
C LEU B 121 9.17 -2.04 -9.41
N THR B 122 9.32 -1.25 -8.35
CA THR B 122 9.33 0.24 -8.48
C THR B 122 10.62 0.72 -9.15
N GLY B 123 11.68 -0.10 -9.05
CA GLY B 123 13.09 0.06 -9.48
C GLY B 123 13.41 1.24 -10.37
N ALA B 124 13.00 2.45 -9.99
CA ALA B 124 13.59 3.70 -10.51
C ALA B 124 14.69 4.09 -9.52
N ASN B 125 14.47 5.14 -8.74
CA ASN B 125 15.02 5.24 -7.36
C ASN B 125 13.85 5.23 -6.40
N ALA B 126 14.00 4.57 -5.25
CA ALA B 126 12.92 4.16 -4.33
C ALA B 126 13.11 4.77 -2.94
N LYS B 127 13.43 6.07 -2.84
CA LYS B 127 13.72 6.77 -1.55
C LYS B 127 12.65 7.84 -1.27
N GLY B 128 12.38 8.74 -2.23
CA GLY B 128 11.65 10.02 -2.03
C GLY B 128 10.13 9.89 -2.01
N MET B 129 9.54 9.10 -2.92
CA MET B 129 8.09 8.72 -2.83
C MET B 129 8.02 7.45 -1.96
N ASP B 130 6.80 6.94 -1.71
CA ASP B 130 6.46 5.68 -0.96
C ASP B 130 6.69 4.47 -1.86
N LEU B 131 7.92 4.28 -2.29
CA LEU B 131 8.28 3.34 -3.39
C LEU B 131 9.46 2.45 -2.99
N GLY B 132 9.94 2.57 -1.76
CA GLY B 132 11.02 1.71 -1.25
C GLY B 132 10.97 1.55 0.26
N THR B 133 11.93 0.79 0.81
CA THR B 133 12.00 0.47 2.25
C THR B 133 12.89 1.51 2.96
N ILE B 134 12.72 1.64 4.28
CA ILE B 134 13.53 2.47 5.23
C ILE B 134 13.95 1.57 6.39
N PRO B 135 14.97 1.96 7.19
CA PRO B 135 15.50 1.09 8.24
C PRO B 135 14.47 0.50 9.23
N GLY B 136 13.48 1.32 9.62
CA GLY B 136 12.46 0.94 10.61
C GLY B 136 11.50 -0.12 10.08
N ASP B 137 11.62 -0.55 8.81
CA ASP B 137 10.69 -1.50 8.17
C ASP B 137 11.08 -2.97 8.46
N CYS B 138 12.22 -3.24 9.11
CA CYS B 138 12.72 -4.62 9.31
C CYS B 138 11.70 -5.43 10.12
N GLY B 139 11.49 -6.67 9.70
CA GLY B 139 10.52 -7.63 10.22
C GLY B 139 9.24 -7.76 9.42
N ALA B 140 8.96 -6.83 8.51
CA ALA B 140 7.78 -6.90 7.64
C ALA B 140 7.81 -8.25 6.91
N PRO B 141 6.66 -8.90 6.71
CA PRO B 141 6.60 -10.19 6.00
C PRO B 141 6.64 -10.13 4.46
N TYR B 142 7.22 -11.17 3.82
CA TYR B 142 7.13 -11.45 2.37
C TYR B 142 6.01 -12.49 2.14
N VAL B 143 4.99 -12.17 1.33
CA VAL B 143 3.83 -13.06 1.11
C VAL B 143 3.58 -13.14 -0.40
N TYR B 144 2.91 -14.19 -0.84
CA TYR B 144 2.36 -14.31 -2.21
C TYR B 144 1.17 -15.24 -2.22
N LYS B 145 0.33 -15.10 -3.25
CA LYS B 145 -0.89 -15.91 -3.44
C LYS B 145 -0.58 -17.10 -4.33
N ARG B 146 -0.95 -18.30 -3.90
CA ARG B 146 -0.67 -19.57 -4.63
C ARG B 146 -1.91 -20.43 -4.59
N ALA B 147 -2.55 -20.66 -5.74
CA ALA B 147 -3.90 -21.23 -5.83
C ALA B 147 -4.81 -20.35 -4.95
N ASN B 148 -5.58 -20.94 -4.01
CA ASN B 148 -6.51 -20.19 -3.14
C ASN B 148 -5.82 -19.71 -1.87
N ASP B 149 -4.52 -20.00 -1.74
CA ASP B 149 -3.78 -19.95 -0.44
C ASP B 149 -2.78 -18.79 -0.45
N TRP B 150 -2.78 -18.02 0.63
CA TRP B 150 -1.65 -17.10 0.95
C TRP B 150 -0.50 -17.88 1.59
N VAL B 151 0.71 -17.62 1.13
CA VAL B 151 1.96 -18.18 1.71
C VAL B 151 2.80 -17.04 2.30
N VAL B 152 3.39 -17.27 3.47
CA VAL B 152 4.43 -16.34 4.02
C VAL B 152 5.78 -17.05 3.92
N CYS B 153 6.78 -16.38 3.37
CA CYS B 153 8.03 -17.09 3.09
C CYS B 153 9.27 -16.40 3.68
N GLY B 154 9.11 -15.36 4.52
CA GLY B 154 10.25 -14.74 5.24
C GLY B 154 9.93 -13.35 5.78
N VAL B 155 10.96 -12.67 6.29
CA VAL B 155 10.84 -11.35 6.97
C VAL B 155 11.93 -10.40 6.42
N HIS B 156 11.62 -9.11 6.33
CA HIS B 156 12.53 -8.07 5.81
C HIS B 156 13.78 -7.89 6.72
N ALA B 157 14.98 -8.18 6.21
CA ALA B 157 16.24 -8.19 7.04
C ALA B 157 17.18 -7.02 6.64
N ALA B 158 17.16 -6.55 5.38
CA ALA B 158 18.12 -5.56 4.87
C ALA B 158 17.76 -5.03 3.49
N ALA B 159 18.31 -3.86 3.14
CA ALA B 159 18.15 -3.19 1.83
C ALA B 159 19.38 -2.36 1.52
N THR B 160 19.69 -2.21 0.24
CA THR B 160 20.81 -1.35 -0.24
C THR B 160 20.44 0.13 -0.17
N LYS B 161 21.44 1.02 -0.07
CA LYS B 161 21.28 2.51 -0.01
C LYS B 161 20.16 2.93 -0.95
N SER B 162 20.29 2.51 -2.20
CA SER B 162 19.21 2.16 -3.15
C SER B 162 19.88 1.91 -4.49
N GLY B 163 19.66 0.72 -5.03
CA GLY B 163 19.48 0.54 -6.48
C GLY B 163 18.11 -0.06 -6.69
N ASN B 164 17.77 -1.04 -5.84
CA ASN B 164 16.58 -1.93 -5.99
C ASN B 164 16.64 -3.15 -5.03
N THR B 165 17.74 -3.46 -4.31
CA THR B 165 18.02 -4.81 -3.72
C THR B 165 17.56 -4.89 -2.24
N VAL B 166 16.87 -5.99 -1.93
CA VAL B 166 16.35 -6.34 -0.57
C VAL B 166 16.72 -7.79 -0.24
N VAL B 167 16.74 -8.09 1.04
CA VAL B 167 17.02 -9.46 1.55
C VAL B 167 15.90 -9.88 2.50
N CYS B 168 15.30 -11.03 2.19
CA CYS B 168 14.23 -11.72 2.98
C CYS B 168 14.91 -12.80 3.80
N ALA B 169 14.90 -12.71 5.14
CA ALA B 169 15.48 -13.79 5.97
C ALA B 169 14.48 -14.94 5.97
N VAL B 170 14.97 -16.17 5.91
CA VAL B 170 14.11 -17.39 5.79
C VAL B 170 14.43 -18.40 6.89
N GLN B 171 13.46 -19.27 7.13
CA GLN B 171 13.43 -20.37 8.14
C GLN B 171 14.47 -21.43 7.70
N ALA B 172 15.19 -22.12 8.59
CA ALA B 172 15.96 -23.33 8.19
C ALA B 172 16.39 -24.13 9.41
#